data_3OSF
#
_entry.id   3OSF
#
_cell.length_a   73.941
_cell.length_b   77.352
_cell.length_c   84.410
_cell.angle_alpha   90.00
_cell.angle_beta   90.00
_cell.angle_gamma   90.00
#
_symmetry.space_group_name_H-M   'P 21 21 21'
#
loop_
_entity.id
_entity.type
_entity.pdbx_description
1 polymer MYB21
2 polymer "5'-D(*CP*TP*GP*TP*AP*TP*CP*GP*TP*CP*TP*TP*G)-3'"
3 polymer "5'-D(*CP*AP*AP*GP*AP*CP*GP*AP*TP*AP*CP*AP*G)-3'"
4 non-polymer 'ISOPROPYL ALCOHOL'
5 water water
#
loop_
_entity_poly.entity_id
_entity_poly.type
_entity_poly.pdbx_seq_one_letter_code
_entity_poly.pdbx_strand_id
1 'polypeptide(L)'
;MVQVNLKAAKKQKFTPEEDEMLKRAVAQHGSDWKMIAATFPNRNARQCRDRWKNYLAPSISHTPWTAEEDALLVQKIQEY
GRQWAIIAKFFPGRTDIHIKNRWVTISNKLGIPQTQQMLEHHHHHH
;
A,D
2 'polydeoxyribonucleotide' (DC)(DT)(DG)(DT)(DA)(DT)(DC)(DG)(DT)(DC)(DT)(DT)(DG) B,E
3 'polydeoxyribonucleotide' (DC)(DA)(DA)(DG)(DA)(DC)(DG)(DA)(DT)(DA)(DC)(DA)(DG) C,F
#
loop_
_chem_comp.id
_chem_comp.type
_chem_comp.name
_chem_comp.formula
DA DNA linking 2'-DEOXYADENOSINE-5'-MONOPHOSPHATE 'C10 H14 N5 O6 P'
DC DNA linking 2'-DEOXYCYTIDINE-5'-MONOPHOSPHATE 'C9 H14 N3 O7 P'
DG DNA linking 2'-DEOXYGUANOSINE-5'-MONOPHOSPHATE 'C10 H14 N5 O7 P'
DT DNA linking THYMIDINE-5'-MONOPHOSPHATE 'C10 H15 N2 O8 P'
IPA non-polymer 'ISOPROPYL ALCOHOL' 'C3 H8 O'
#
# COMPACT_ATOMS: atom_id res chain seq x y z
N LYS A 10 0.60 14.07 -31.46
CA LYS A 10 1.90 14.21 -30.83
C LYS A 10 2.49 12.90 -30.31
N LYS A 11 1.68 11.83 -30.20
CA LYS A 11 2.18 10.51 -29.77
C LYS A 11 2.18 9.50 -30.93
N GLN A 12 3.37 8.99 -31.24
CA GLN A 12 3.52 7.99 -32.28
C GLN A 12 3.67 6.60 -31.65
N LYS A 13 2.55 5.97 -31.33
CA LYS A 13 2.59 4.67 -30.64
C LYS A 13 2.97 3.51 -31.59
N PHE A 14 3.74 2.55 -31.07
CA PHE A 14 4.13 1.38 -31.87
C PHE A 14 2.94 0.48 -32.16
N THR A 15 2.81 0.06 -33.42
CA THR A 15 1.78 -0.90 -33.78
C THR A 15 2.34 -2.32 -33.64
N PRO A 16 1.45 -3.32 -33.65
CA PRO A 16 1.91 -4.70 -33.56
C PRO A 16 2.91 -5.00 -34.67
N GLU A 17 2.67 -4.46 -35.86
CA GLU A 17 3.56 -4.64 -36.99
C GLU A 17 4.96 -4.12 -36.67
N GLU A 18 5.02 -2.88 -36.18
CA GLU A 18 6.29 -2.28 -35.82
C GLU A 18 7.02 -3.07 -34.74
N ASP A 19 6.28 -3.54 -33.74
CA ASP A 19 6.87 -4.35 -32.67
C ASP A 19 7.58 -5.57 -33.25
N GLU A 20 6.91 -6.30 -34.14
CA GLU A 20 7.51 -7.49 -34.74
C GLU A 20 8.80 -7.16 -35.50
N MET A 21 8.77 -6.08 -36.27
CA MET A 21 9.96 -5.59 -36.96
C MET A 21 11.06 -5.23 -35.97
N LEU A 22 10.68 -4.53 -34.90
CA LEU A 22 11.65 -4.15 -33.88
C LEU A 22 12.33 -5.41 -33.37
N LYS A 23 11.53 -6.42 -33.04
CA LYS A 23 12.05 -7.70 -32.57
C LYS A 23 13.07 -8.29 -33.56
N ARG A 24 12.66 -8.47 -34.81
CA ARG A 24 13.58 -8.93 -35.85
C ARG A 24 14.86 -8.09 -35.91
N ALA A 25 14.70 -6.76 -35.90
CA ALA A 25 15.84 -5.87 -36.00
C ALA A 25 16.79 -6.10 -34.84
N VAL A 26 16.24 -6.31 -33.66
CA VAL A 26 17.07 -6.54 -32.48
C VAL A 26 17.74 -7.92 -32.57
N ALA A 27 16.99 -8.92 -33.04
CA ALA A 27 17.55 -10.25 -33.24
C ALA A 27 18.74 -10.15 -34.20
N GLN A 28 18.65 -9.22 -35.14
CA GLN A 28 19.66 -9.08 -36.17
C GLN A 28 20.83 -8.19 -35.74
N HIS A 29 20.54 -7.03 -35.14
CA HIS A 29 21.58 -6.04 -34.86
C HIS A 29 21.86 -5.83 -33.38
N GLY A 30 21.22 -6.63 -32.53
CA GLY A 30 21.45 -6.56 -31.10
C GLY A 30 21.06 -5.23 -30.47
N SER A 31 22.05 -4.52 -29.92
CA SER A 31 21.79 -3.27 -29.23
C SER A 31 22.31 -2.04 -29.99
N ASP A 32 22.37 -2.13 -31.32
CA ASP A 32 22.81 -1.00 -32.13
C ASP A 32 21.60 -0.18 -32.53
N TRP A 33 21.18 0.70 -31.64
CA TRP A 33 19.89 1.37 -31.83
C TRP A 33 19.84 2.28 -33.06
N LYS A 34 20.93 2.99 -33.32
CA LYS A 34 21.03 3.80 -34.52
C LYS A 34 20.73 2.95 -35.77
N MET A 35 21.34 1.78 -35.84
CA MET A 35 21.17 0.90 -36.98
C MET A 35 19.78 0.28 -37.03
N ILE A 36 19.26 -0.11 -35.87
CA ILE A 36 17.92 -0.67 -35.79
C ILE A 36 16.88 0.37 -36.20
N ALA A 37 17.06 1.59 -35.73
CA ALA A 37 16.17 2.70 -36.06
C ALA A 37 16.09 2.93 -37.57
N ALA A 38 17.24 2.90 -38.23
CA ALA A 38 17.33 3.19 -39.67
C ALA A 38 16.55 2.18 -40.51
N THR A 39 16.17 1.06 -39.91
CA THR A 39 15.36 0.08 -40.61
C THR A 39 13.91 0.55 -40.70
N PHE A 40 13.57 1.56 -39.90
CA PHE A 40 12.27 2.20 -39.98
C PHE A 40 12.38 3.51 -40.77
N PRO A 41 11.32 3.85 -41.50
CA PRO A 41 11.34 5.15 -42.18
C PRO A 41 10.94 6.21 -41.17
N ASN A 42 10.42 5.73 -40.04
CA ASN A 42 9.48 6.43 -39.20
C ASN A 42 9.86 6.59 -37.72
N ARG A 43 11.01 6.05 -37.35
CA ARG A 43 11.35 5.88 -35.94
C ARG A 43 12.81 6.22 -35.70
N ASN A 44 13.08 6.84 -34.57
CA ASN A 44 14.46 7.14 -34.16
C ASN A 44 15.01 6.11 -33.15
N ALA A 45 16.30 6.25 -32.84
CA ALA A 45 16.96 5.32 -31.94
C ALA A 45 16.30 5.31 -30.55
N ARG A 46 16.04 6.49 -30.00
CA ARG A 46 15.40 6.60 -28.68
C ARG A 46 14.07 5.87 -28.66
N GLN A 47 13.27 6.03 -29.72
CA GLN A 47 11.97 5.38 -29.76
C GLN A 47 12.06 3.85 -29.73
N CYS A 48 12.96 3.30 -30.54
CA CYS A 48 13.16 1.84 -30.58
C CYS A 48 13.79 1.34 -29.28
N ARG A 49 14.77 2.08 -28.78
CA ARG A 49 15.44 1.69 -27.54
C ARG A 49 14.43 1.60 -26.39
N ASP A 50 13.61 2.65 -26.24
CA ASP A 50 12.55 2.70 -25.22
C ASP A 50 11.53 1.58 -25.37
N ARG A 51 11.10 1.35 -26.61
CA ARG A 51 10.04 0.40 -26.88
C ARG A 51 10.51 -1.01 -26.51
N TRP A 52 11.76 -1.31 -26.85
CA TRP A 52 12.35 -2.61 -26.52
C TRP A 52 12.51 -2.76 -25.01
N LYS A 53 13.19 -1.80 -24.42
CA LYS A 53 13.57 -1.82 -23.02
C LYS A 53 12.37 -1.87 -22.07
N ASN A 54 11.27 -1.23 -22.44
CA ASN A 54 10.15 -1.13 -21.51
C ASN A 54 8.97 -2.01 -21.87
N TYR A 55 8.94 -2.51 -23.11
CA TYR A 55 7.78 -3.30 -23.53
C TYR A 55 8.08 -4.64 -24.22
N LEU A 56 9.13 -4.69 -25.04
CA LEU A 56 9.32 -5.87 -25.88
C LEU A 56 10.36 -6.88 -25.39
N ALA A 57 11.25 -6.44 -24.51
CA ALA A 57 12.33 -7.32 -24.07
C ALA A 57 11.71 -8.55 -23.43
N PRO A 58 12.40 -9.70 -23.55
CA PRO A 58 11.81 -10.98 -23.12
C PRO A 58 11.50 -10.97 -21.62
N SER A 59 12.35 -10.31 -20.84
CA SER A 59 12.16 -10.26 -19.38
C SER A 59 10.99 -9.41 -18.93
N ILE A 60 10.38 -8.65 -19.84
CA ILE A 60 9.26 -7.80 -19.44
C ILE A 60 8.00 -8.58 -19.10
N SER A 61 7.41 -8.28 -17.94
CA SER A 61 6.21 -8.97 -17.51
C SER A 61 4.94 -8.29 -18.02
N HIS A 62 4.05 -9.09 -18.59
CA HIS A 62 2.80 -8.54 -19.09
C HIS A 62 1.59 -9.02 -18.30
N THR A 63 1.85 -9.59 -17.14
CA THR A 63 0.75 -10.03 -16.28
C THR A 63 0.34 -8.89 -15.33
N PRO A 64 -0.94 -8.84 -14.98
CA PRO A 64 -1.46 -7.76 -14.13
C PRO A 64 -0.77 -7.72 -12.77
N TRP A 65 -0.73 -6.53 -12.17
CA TRP A 65 -0.08 -6.34 -10.87
C TRP A 65 -0.76 -7.18 -9.79
N THR A 66 0.02 -7.95 -9.03
CA THR A 66 -0.53 -8.74 -7.93
C THR A 66 -0.72 -7.84 -6.70
N ALA A 67 -1.59 -8.27 -5.78
CA ALA A 67 -1.74 -7.57 -4.50
C ALA A 67 -0.39 -7.42 -3.80
N GLU A 68 0.44 -8.44 -3.91
CA GLU A 68 1.71 -8.42 -3.20
C GLU A 68 2.68 -7.40 -3.82
N GLU A 69 2.59 -7.23 -5.14
CA GLU A 69 3.40 -6.22 -5.83
C GLU A 69 3.02 -4.81 -5.40
N ASP A 70 1.71 -4.53 -5.38
CA ASP A 70 1.22 -3.27 -4.84
C ASP A 70 1.75 -3.01 -3.45
N ALA A 71 1.72 -4.04 -2.61
CA ALA A 71 2.18 -3.91 -1.23
C ALA A 71 3.68 -3.57 -1.24
N LEU A 72 4.44 -4.28 -2.08
CA LEU A 72 5.86 -3.98 -2.19
C LEU A 72 6.08 -2.54 -2.67
N LEU A 73 5.29 -2.09 -3.64
CA LEU A 73 5.44 -0.74 -4.13
C LEU A 73 5.20 0.31 -3.01
N VAL A 74 4.09 0.16 -2.27
CA VAL A 74 3.81 1.13 -1.19
C VAL A 74 4.92 1.11 -0.15
N GLN A 75 5.38 -0.08 0.21
CA GLN A 75 6.54 -0.25 1.09
C GLN A 75 7.79 0.45 0.56
N LYS A 76 8.10 0.24 -0.72
CA LYS A 76 9.32 0.77 -1.29
C LYS A 76 9.29 2.29 -1.42
N ILE A 77 8.10 2.85 -1.62
CA ILE A 77 8.00 4.29 -1.75
C ILE A 77 8.24 4.97 -0.40
N GLN A 78 7.68 4.38 0.66
CA GLN A 78 7.93 4.86 2.00
C GLN A 78 9.42 4.82 2.26
N GLU A 79 10.10 3.85 1.66
CA GLU A 79 11.52 3.63 1.90
C GLU A 79 12.42 4.53 1.06
N TYR A 80 12.12 4.65 -0.23
CA TYR A 80 13.02 5.33 -1.16
C TYR A 80 12.47 6.63 -1.73
N GLY A 81 11.22 6.95 -1.43
CA GLY A 81 10.58 8.09 -2.08
C GLY A 81 10.30 7.76 -3.55
N ARG A 82 10.42 8.76 -4.41
CA ARG A 82 10.05 8.63 -5.81
C ARG A 82 11.23 8.24 -6.72
N GLN A 83 12.13 7.38 -6.21
CA GLN A 83 13.27 6.90 -6.99
C GLN A 83 12.88 5.62 -7.75
N TRP A 84 12.21 5.79 -8.89
CA TRP A 84 11.55 4.66 -9.56
C TRP A 84 12.50 3.59 -10.07
N ALA A 85 13.64 3.99 -10.60
CA ALA A 85 14.60 3.04 -11.15
C ALA A 85 15.15 2.21 -10.00
N ILE A 86 15.52 2.88 -8.91
CA ILE A 86 15.96 2.17 -7.72
C ILE A 86 14.90 1.18 -7.25
N ILE A 87 13.66 1.65 -7.17
CA ILE A 87 12.56 0.81 -6.73
C ILE A 87 12.31 -0.37 -7.68
N ALA A 88 12.46 -0.14 -8.98
CA ALA A 88 12.14 -1.17 -9.97
C ALA A 88 13.08 -2.38 -9.89
N LYS A 89 14.25 -2.18 -9.29
CA LYS A 89 15.17 -3.29 -9.07
C LYS A 89 14.51 -4.46 -8.33
N PHE A 90 13.47 -4.17 -7.56
CA PHE A 90 12.81 -5.21 -6.76
C PHE A 90 11.61 -5.87 -7.47
N PHE A 91 11.40 -5.49 -8.74
CA PHE A 91 10.29 -6.03 -9.52
C PHE A 91 10.82 -6.68 -10.79
N PRO A 92 11.03 -7.99 -10.76
CA PRO A 92 11.75 -8.70 -11.83
C PRO A 92 11.45 -8.27 -13.30
N GLY A 93 10.18 -8.28 -13.70
CA GLY A 93 9.82 -7.93 -15.06
C GLY A 93 9.16 -6.56 -15.25
N ARG A 94 9.47 -5.61 -14.37
CA ARG A 94 8.90 -4.26 -14.51
C ARG A 94 10.03 -3.24 -14.48
N THR A 95 9.85 -2.12 -15.19
CA THR A 95 10.86 -1.06 -15.21
C THR A 95 10.32 0.17 -14.50
N ASP A 96 11.16 1.20 -14.40
CA ASP A 96 10.77 2.43 -13.71
C ASP A 96 9.48 2.98 -14.32
N ILE A 97 9.32 2.78 -15.63
CA ILE A 97 8.12 3.25 -16.32
C ILE A 97 6.85 2.63 -15.73
N HIS A 98 6.86 1.31 -15.59
CA HIS A 98 5.72 0.59 -15.04
C HIS A 98 5.45 0.97 -13.57
N ILE A 99 6.51 1.09 -12.79
CA ILE A 99 6.44 1.36 -11.36
C ILE A 99 5.81 2.75 -11.11
N LYS A 100 6.26 3.75 -11.87
CA LYS A 100 5.74 5.12 -11.70
C LYS A 100 4.31 5.26 -12.23
N ASN A 101 3.99 4.60 -13.34
CA ASN A 101 2.61 4.57 -13.83
C ASN A 101 1.67 3.92 -12.80
N ARG A 102 2.13 2.82 -12.23
CA ARG A 102 1.31 2.10 -11.26
C ARG A 102 1.04 2.98 -10.06
N TRP A 103 2.04 3.76 -9.62
CA TRP A 103 1.87 4.60 -8.45
C TRP A 103 0.89 5.77 -8.71
N VAL A 104 0.92 6.33 -9.91
CA VAL A 104 -0.06 7.34 -10.27
C VAL A 104 -1.47 6.76 -10.14
N THR A 105 -1.65 5.53 -10.61
CA THR A 105 -2.97 4.93 -10.56
C THR A 105 -3.39 4.57 -9.13
N ILE A 106 -2.48 3.97 -8.38
CA ILE A 106 -2.79 3.56 -7.02
C ILE A 106 -3.12 4.80 -6.20
N SER A 107 -2.24 5.80 -6.21
CA SER A 107 -2.45 7.00 -5.40
C SER A 107 -3.74 7.70 -5.78
N ASN A 108 -4.09 7.66 -7.06
CA ASN A 108 -5.35 8.21 -7.54
C ASN A 108 -6.54 7.53 -6.86
N LYS A 109 -6.55 6.20 -6.91
CA LYS A 109 -7.61 5.40 -6.29
C LYS A 109 -7.58 5.52 -4.77
N LEU A 110 -6.47 6.00 -4.22
CA LEU A 110 -6.32 6.13 -2.77
C LEU A 110 -6.73 7.52 -2.33
N GLY A 111 -7.12 8.36 -3.29
CA GLY A 111 -7.23 9.78 -3.05
C GLY A 111 -5.84 10.38 -2.86
N ILE A 112 -5.19 10.73 -3.98
CA ILE A 112 -3.77 11.12 -3.99
C ILE A 112 -3.26 11.53 -2.61
N LYS D 10 -5.36 17.95 29.43
CA LYS D 10 -6.59 17.67 28.70
C LYS D 10 -6.59 16.33 27.96
N LYS D 11 -5.60 15.48 28.21
CA LYS D 11 -5.65 14.09 27.76
C LYS D 11 -5.16 13.14 28.85
N GLN D 12 -6.10 12.35 29.39
CA GLN D 12 -5.90 11.49 30.54
C GLN D 12 -5.66 10.02 30.11
N LYS D 13 -4.41 9.68 29.80
CA LYS D 13 -4.07 8.34 29.28
C LYS D 13 -4.17 7.29 30.39
N PHE D 14 -4.55 6.07 30.02
CA PHE D 14 -4.67 5.00 31.01
C PHE D 14 -3.27 4.51 31.41
N THR D 15 -3.04 4.39 32.72
CA THR D 15 -1.80 3.76 33.22
C THR D 15 -1.96 2.24 33.21
N PRO D 16 -0.85 1.50 33.29
CA PRO D 16 -0.94 0.05 33.36
C PRO D 16 -1.76 -0.40 34.55
N GLU D 17 -1.65 0.32 35.66
CA GLU D 17 -2.40 0.01 36.88
C GLU D 17 -3.88 0.20 36.64
N GLU D 18 -4.23 1.32 36.00
CA GLU D 18 -5.62 1.56 35.61
C GLU D 18 -6.14 0.50 34.65
N ASP D 19 -5.26 0.00 33.78
CA ASP D 19 -5.64 -1.09 32.87
C ASP D 19 -5.97 -2.34 33.66
N GLU D 20 -5.19 -2.63 34.69
CA GLU D 20 -5.45 -3.80 35.51
C GLU D 20 -6.75 -3.63 36.28
N MET D 21 -6.93 -2.43 36.84
CA MET D 21 -8.19 -2.06 37.46
C MET D 21 -9.39 -2.22 36.52
N LEU D 22 -9.22 -1.85 35.27
CA LEU D 22 -10.31 -1.91 34.30
C LEU D 22 -10.70 -3.37 34.06
N LYS D 23 -9.71 -4.21 33.82
CA LYS D 23 -9.95 -5.61 33.57
C LYS D 23 -10.67 -6.21 34.77
N ARG D 24 -10.19 -5.89 35.96
CA ARG D 24 -10.82 -6.44 37.16
C ARG D 24 -12.27 -5.97 37.27
N ALA D 25 -12.51 -4.69 36.99
CA ALA D 25 -13.86 -4.15 37.06
C ALA D 25 -14.80 -4.76 36.02
N VAL D 26 -14.29 -4.97 34.81
CA VAL D 26 -15.12 -5.62 33.81
C VAL D 26 -15.46 -7.05 34.23
N ALA D 27 -14.50 -7.73 34.86
CA ALA D 27 -14.72 -9.08 35.36
C ALA D 27 -15.87 -9.10 36.33
N GLN D 28 -15.93 -8.11 37.23
CA GLN D 28 -17.01 -8.03 38.20
C GLN D 28 -18.34 -7.46 37.68
N HIS D 29 -18.27 -6.37 36.90
CA HIS D 29 -19.49 -5.67 36.50
C HIS D 29 -19.90 -5.82 35.03
N GLY D 30 -19.11 -6.55 34.25
CA GLY D 30 -19.49 -6.84 32.88
C GLY D 30 -19.43 -5.63 31.97
N SER D 31 -20.58 -5.21 31.45
CA SER D 31 -20.60 -4.06 30.56
C SER D 31 -21.36 -2.90 31.19
N ASP D 32 -21.44 -2.89 32.52
CA ASP D 32 -22.04 -1.78 33.23
C ASP D 32 -21.01 -0.68 33.38
N TRP D 33 -20.82 0.10 32.31
CA TRP D 33 -19.74 1.07 32.27
C TRP D 33 -19.84 2.18 33.32
N LYS D 34 -21.05 2.60 33.67
CA LYS D 34 -21.20 3.61 34.69
C LYS D 34 -20.62 3.08 36.01
N MET D 35 -20.94 1.85 36.36
CA MET D 35 -20.41 1.25 37.57
C MET D 35 -18.92 0.98 37.44
N ILE D 36 -18.48 0.59 36.25
CA ILE D 36 -17.05 0.40 36.08
C ILE D 36 -16.29 1.71 36.30
N ALA D 37 -16.83 2.80 35.75
CA ALA D 37 -16.17 4.08 35.81
C ALA D 37 -16.07 4.57 37.26
N ALA D 38 -17.06 4.23 38.07
CA ALA D 38 -17.08 4.61 39.49
C ALA D 38 -16.04 3.89 40.37
N THR D 39 -15.34 2.91 39.80
CA THR D 39 -14.22 2.25 40.49
C THR D 39 -12.87 2.98 40.29
N PHE D 40 -12.89 4.11 39.59
CA PHE D 40 -11.71 4.96 39.48
C PHE D 40 -11.94 6.29 40.18
N PRO D 41 -10.86 6.98 40.59
CA PRO D 41 -11.03 8.30 41.22
C PRO D 41 -11.68 9.30 40.29
N ASN D 42 -11.36 9.24 38.99
CA ASN D 42 -11.90 10.22 38.05
C ASN D 42 -11.92 9.72 36.60
N ARG D 43 -12.76 8.72 36.30
CA ARG D 43 -12.97 8.25 34.93
C ARG D 43 -14.48 8.27 34.65
N ASN D 44 -14.87 8.37 33.39
CA ASN D 44 -16.29 8.29 33.06
C ASN D 44 -16.56 7.01 32.26
N ALA D 45 -17.82 6.67 32.07
CA ALA D 45 -18.18 5.44 31.37
C ALA D 45 -17.56 5.38 29.98
N ARG D 46 -17.57 6.49 29.27
CA ARG D 46 -17.10 6.49 27.88
C ARG D 46 -15.60 6.17 27.78
N GLN D 47 -14.82 6.74 28.69
CA GLN D 47 -13.39 6.46 28.72
C GLN D 47 -13.09 4.98 28.95
N CYS D 48 -13.82 4.36 29.88
CA CYS D 48 -13.59 2.94 30.20
C CYS D 48 -14.05 2.01 29.07
N ARG D 49 -15.22 2.33 28.52
CA ARG D 49 -15.82 1.60 27.41
C ARG D 49 -14.85 1.62 26.23
N ASP D 50 -14.31 2.79 25.93
CA ASP D 50 -13.35 2.96 24.82
C ASP D 50 -12.07 2.20 25.06
N ARG D 51 -11.53 2.33 26.28
CA ARG D 51 -10.26 1.71 26.59
C ARG D 51 -10.37 0.19 26.44
N TRP D 52 -11.49 -0.35 26.89
CA TRP D 52 -11.77 -1.78 26.76
C TRP D 52 -11.96 -2.19 25.28
N LYS D 53 -12.89 -1.53 24.59
CA LYS D 53 -13.22 -1.84 23.19
C LYS D 53 -11.99 -1.85 22.27
N ASN D 54 -11.09 -0.90 22.47
CA ASN D 54 -10.03 -0.71 21.49
C ASN D 54 -8.69 -1.20 21.94
N TYR D 55 -8.53 -1.51 23.23
CA TYR D 55 -7.20 -1.84 23.72
C TYR D 55 -7.11 -3.08 24.60
N LEU D 56 -8.09 -3.28 25.48
CA LEU D 56 -7.98 -4.31 26.50
C LEU D 56 -8.79 -5.58 26.27
N ALA D 57 -9.86 -5.49 25.49
CA ALA D 57 -10.74 -6.65 25.27
C ALA D 57 -9.95 -7.83 24.68
N PRO D 58 -10.37 -9.06 25.03
CA PRO D 58 -9.63 -10.29 24.70
C PRO D 58 -9.40 -10.44 23.20
N SER D 59 -10.37 -10.00 22.41
CA SER D 59 -10.36 -10.16 20.97
C SER D 59 -9.42 -9.18 20.25
N ILE D 60 -8.80 -8.26 21.00
CA ILE D 60 -7.94 -7.24 20.42
C ILE D 60 -6.53 -7.79 20.22
N SER D 61 -5.94 -7.53 19.07
CA SER D 61 -4.59 -7.99 18.77
C SER D 61 -3.51 -7.02 19.24
N HIS D 62 -2.53 -7.55 19.97
CA HIS D 62 -1.46 -6.72 20.50
C HIS D 62 -0.16 -6.93 19.73
N THR D 63 -0.27 -7.62 18.60
CA THR D 63 0.86 -7.86 17.70
C THR D 63 0.92 -6.77 16.64
N PRO D 64 2.14 -6.31 16.31
CA PRO D 64 2.34 -5.20 15.36
C PRO D 64 1.81 -5.53 13.98
N TRP D 65 1.50 -4.49 13.21
CA TRP D 65 0.95 -4.69 11.88
C TRP D 65 1.90 -5.50 11.04
N THR D 66 1.42 -6.66 10.58
CA THR D 66 2.17 -7.46 9.63
C THR D 66 2.17 -6.72 8.30
N ALA D 67 3.04 -7.14 7.41
CA ALA D 67 3.10 -6.56 6.08
C ALA D 67 1.88 -7.04 5.33
N GLU D 68 1.36 -8.18 5.77
CA GLU D 68 0.17 -8.79 5.19
C GLU D 68 -1.05 -7.94 5.50
N GLU D 69 -1.08 -7.36 6.70
CA GLU D 69 -2.17 -6.46 7.06
C GLU D 69 -2.06 -5.16 6.24
N ASP D 70 -0.85 -4.59 6.21
CA ASP D 70 -0.60 -3.38 5.42
C ASP D 70 -1.05 -3.58 3.99
N ALA D 71 -0.80 -4.78 3.49
CA ALA D 71 -1.12 -5.11 2.13
C ALA D 71 -2.62 -5.05 1.99
N LEU D 72 -3.30 -5.75 2.90
CA LEU D 72 -4.76 -5.73 2.88
C LEU D 72 -5.32 -4.31 3.00
N LEU D 73 -4.73 -3.50 3.88
CA LEU D 73 -5.26 -2.15 4.17
C LEU D 73 -5.24 -1.23 2.97
N VAL D 74 -4.14 -1.30 2.23
CA VAL D 74 -3.98 -0.58 0.98
C VAL D 74 -5.10 -0.96 0.00
N GLN D 75 -5.19 -2.25 -0.32
CA GLN D 75 -6.27 -2.70 -1.20
C GLN D 75 -7.64 -2.21 -0.72
N LYS D 76 -7.90 -2.33 0.59
CA LYS D 76 -9.22 -1.98 1.13
C LYS D 76 -9.57 -0.49 1.05
N ILE D 77 -8.58 0.37 1.19
CA ILE D 77 -8.85 1.81 1.15
C ILE D 77 -9.20 2.29 -0.25
N GLN D 78 -8.58 1.66 -1.25
CA GLN D 78 -8.94 1.96 -2.64
C GLN D 78 -10.39 1.57 -2.82
N GLU D 79 -10.78 0.47 -2.21
CA GLU D 79 -12.17 0.00 -2.34
C GLU D 79 -13.22 0.90 -1.68
N TYR D 80 -13.01 1.27 -0.41
CA TYR D 80 -14.07 1.93 0.38
C TYR D 80 -13.81 3.39 0.76
N GLY D 81 -12.57 3.85 0.58
CA GLY D 81 -12.24 5.19 1.03
C GLY D 81 -12.08 5.24 2.54
N ARG D 82 -12.60 6.28 3.17
CA ARG D 82 -12.36 6.54 4.59
C ARG D 82 -13.45 5.96 5.51
N GLN D 83 -13.97 4.79 5.14
CA GLN D 83 -15.00 4.16 5.94
C GLN D 83 -14.36 3.14 6.85
N TRP D 84 -13.77 3.65 7.94
CA TRP D 84 -12.90 2.86 8.79
C TRP D 84 -13.58 1.65 9.44
N ALA D 85 -14.81 1.86 9.92
CA ALA D 85 -15.57 0.77 10.54
C ALA D 85 -15.90 -0.33 9.53
N ILE D 86 -16.30 0.06 8.33
CA ILE D 86 -16.55 -0.92 7.30
C ILE D 86 -15.28 -1.67 6.98
N ILE D 87 -14.18 -0.95 6.81
CA ILE D 87 -12.89 -1.58 6.53
C ILE D 87 -12.43 -2.51 7.62
N ALA D 88 -12.61 -2.12 8.88
CA ALA D 88 -12.02 -2.90 9.97
C ALA D 88 -12.56 -4.34 10.06
N LYS D 89 -13.73 -4.58 9.50
CA LYS D 89 -14.31 -5.92 9.51
C LYS D 89 -13.44 -6.94 8.78
N PHE D 90 -12.50 -6.46 7.98
CA PHE D 90 -11.57 -7.36 7.29
C PHE D 90 -10.28 -7.57 8.07
N PHE D 91 -10.20 -6.99 9.27
CA PHE D 91 -9.00 -7.17 10.09
C PHE D 91 -9.34 -7.71 11.48
N PRO D 92 -9.29 -9.04 11.65
CA PRO D 92 -9.51 -9.62 12.98
C PRO D 92 -8.52 -9.02 14.00
N GLY D 93 -9.03 -8.65 15.16
CA GLY D 93 -8.18 -8.08 16.21
C GLY D 93 -7.86 -6.59 16.10
N ARG D 94 -8.38 -5.93 15.07
CA ARG D 94 -8.18 -4.49 14.89
C ARG D 94 -9.54 -3.79 14.86
N THR D 95 -9.60 -2.55 15.37
CA THR D 95 -10.83 -1.77 15.29
C THR D 95 -10.64 -0.63 14.31
N ASP D 96 -11.72 0.12 14.08
CA ASP D 96 -11.68 1.33 13.27
C ASP D 96 -10.60 2.32 13.71
N ILE D 97 -10.36 2.41 15.03
CA ILE D 97 -9.31 3.27 15.54
C ILE D 97 -7.94 2.84 15.01
N HIS D 98 -7.68 1.54 15.05
CA HIS D 98 -6.38 1.05 14.61
C HIS D 98 -6.21 1.16 13.10
N ILE D 99 -7.28 0.90 12.36
CA ILE D 99 -7.25 1.02 10.90
C ILE D 99 -6.87 2.45 10.51
N LYS D 100 -7.62 3.41 11.04
CA LYS D 100 -7.43 4.82 10.73
C LYS D 100 -6.02 5.31 11.12
N ASN D 101 -5.59 4.95 12.32
CA ASN D 101 -4.25 5.30 12.78
C ASN D 101 -3.15 4.74 11.87
N ARG D 102 -3.31 3.50 11.44
CA ARG D 102 -2.30 2.88 10.58
C ARG D 102 -2.21 3.62 9.24
N TRP D 103 -3.34 3.98 8.66
CA TRP D 103 -3.36 4.70 7.39
C TRP D 103 -2.73 6.07 7.51
N VAL D 104 -2.97 6.73 8.62
CA VAL D 104 -2.36 8.02 8.89
C VAL D 104 -0.84 7.89 8.89
N THR D 105 -0.33 6.84 9.52
CA THR D 105 1.09 6.58 9.53
C THR D 105 1.61 6.30 8.13
N ILE D 106 1.00 5.32 7.47
CA ILE D 106 1.40 4.97 6.11
C ILE D 106 1.38 6.19 5.18
N SER D 107 0.28 6.94 5.17
CA SER D 107 0.15 8.05 4.25
C SER D 107 1.19 9.13 4.54
N ASN D 108 1.53 9.29 5.81
CA ASN D 108 2.59 10.23 6.17
C ASN D 108 3.93 9.78 5.59
N LYS D 109 4.30 8.53 5.87
CA LYS D 109 5.52 7.93 5.36
C LYS D 109 5.54 7.91 3.83
N LEU D 110 4.37 7.99 3.22
CA LEU D 110 4.22 8.03 1.78
C LEU D 110 4.41 9.44 1.21
N GLY D 111 4.56 10.42 2.11
CA GLY D 111 4.63 11.81 1.71
C GLY D 111 3.31 12.30 1.14
N ILE D 112 2.21 11.87 1.77
CA ILE D 112 0.87 12.17 1.30
C ILE D 112 -0.09 12.47 2.44
C1 IPA G . 2.92 -13.25 -19.87
C2 IPA G . 4.24 -12.69 -19.47
C3 IPA G . 5.16 -13.80 -19.10
O2 IPA G . 4.04 -11.91 -18.37
#